data_8XP5
#
_entry.id   8XP5
#
_cell.length_a   73.976
_cell.length_b   68.437
_cell.length_c   77.055
_cell.angle_alpha   90.000
_cell.angle_beta   112.356
_cell.angle_gamma   90.000
#
_symmetry.space_group_name_H-M   'P 1 21 1'
#
loop_
_entity.id
_entity.type
_entity.pdbx_description
1 polymer 'Bcl-2-like protein 1,Cellular tumor antigen p53'
2 non-polymer 'ZINC ION'
3 water water
#
_entity_poly.entity_id   1
_entity_poly.type   'polypeptide(L)'
_entity_poly.pdbx_seq_one_letter_code
;SQSNRELVVDFLSYKLSQKGYSWSQFSDVEENRTEAPEGTESEAVKQALREAGDEFELRYRRAFSDLTSQLHITPGTAYQ
SFEQVVNELFRDGVNWGRIVAFFSFGGALCVESVDKEMQVLVSRIAAWMATYLNDHLEPWIQENGGWDTFVELYGNNAAA
GGGGSLVPRGSGGGGSSVPSQKTYQGSYGFRLGFLHSGTAKSVTCTYSPALNKMFCQLAKTCPVQLWVDSTPPPGTRVRA
MAIYKQSQHMTEVVRRCPHHERCSDSDGLAPPQHLIRVEGNLRVEYLDDRNTFRHSVVVPYEPPEVGSDCTTIHYNYMCN
SSCMGGMNRRPILTIITLEDSSGNLLGRNSFEVRVCACPGRDRRTEEENLRKK
;
_entity_poly.pdbx_strand_id   A,B
#
loop_
_chem_comp.id
_chem_comp.type
_chem_comp.name
_chem_comp.formula
ZN non-polymer 'ZINC ION' 'Zn 2'
#
# COMPACT_ATOMS: atom_id res chain seq x y z
N GLN A 2 32.16 23.69 36.65
CA GLN A 2 33.39 23.08 36.09
C GLN A 2 33.74 21.82 36.88
N SER A 3 33.50 21.84 38.20
CA SER A 3 33.55 20.64 39.02
C SER A 3 32.15 20.27 39.51
N ASN A 4 31.31 21.29 39.74
CA ASN A 4 29.91 21.08 40.12
C ASN A 4 29.16 20.42 38.95
N ARG A 5 29.49 20.84 37.73
CA ARG A 5 28.97 20.24 36.51
C ARG A 5 29.29 18.75 36.49
N GLU A 6 30.51 18.40 36.92
CA GLU A 6 30.99 17.04 36.93
C GLU A 6 30.09 16.17 37.82
N LEU A 7 29.67 16.73 38.97
CA LEU A 7 28.87 15.99 39.95
C LEU A 7 27.50 15.66 39.39
N VAL A 8 26.90 16.61 38.66
CA VAL A 8 25.62 16.39 38.00
C VAL A 8 25.82 15.35 36.91
N VAL A 9 26.70 15.67 35.94
CA VAL A 9 26.93 14.83 34.77
C VAL A 9 27.27 13.41 35.22
N ASP A 10 27.98 13.28 36.34
CA ASP A 10 28.22 11.98 36.97
C ASP A 10 26.87 11.32 37.25
N PHE A 11 26.04 12.00 38.02
CA PHE A 11 24.78 11.43 38.50
C PHE A 11 23.92 11.01 37.32
N LEU A 12 23.86 11.86 36.29
CA LEU A 12 23.06 11.57 35.11
C LEU A 12 23.68 10.40 34.34
N SER A 13 24.97 10.54 33.99
CA SER A 13 25.67 9.54 33.22
C SER A 13 25.59 8.17 33.89
N TYR A 14 25.55 8.15 35.23
CA TYR A 14 25.27 6.95 35.98
C TYR A 14 23.86 6.45 35.62
N LYS A 15 22.86 7.32 35.82
CA LYS A 15 21.47 6.97 35.57
C LYS A 15 21.26 6.62 34.10
N LEU A 16 22.06 7.22 33.22
CA LEU A 16 22.10 6.84 31.81
C LEU A 16 22.54 5.38 31.70
N SER A 17 23.67 5.06 32.34
CA SER A 17 24.27 3.74 32.27
C SER A 17 23.58 2.77 33.23
N GLN A 18 22.73 3.28 34.14
CA GLN A 18 21.87 2.42 34.94
C GLN A 18 20.77 1.85 34.06
N LYS A 19 20.48 2.55 32.95
CA LYS A 19 19.71 2.01 31.84
C LYS A 19 20.67 1.78 30.69
N GLY A 20 20.15 1.53 29.49
CA GLY A 20 20.99 1.15 28.36
C GLY A 20 21.42 2.35 27.51
N TYR A 21 22.04 3.34 28.15
CA TYR A 21 22.29 4.63 27.51
C TYR A 21 23.68 5.15 27.85
N SER A 22 24.19 6.03 26.99
CA SER A 22 25.52 6.61 27.14
C SER A 22 25.45 8.13 27.03
N TRP A 23 26.33 8.81 27.80
CA TRP A 23 26.44 10.25 27.80
C TRP A 23 26.75 10.77 26.39
N SER A 24 27.77 10.19 25.76
CA SER A 24 28.30 10.67 24.48
C SER A 24 27.29 10.46 23.36
N GLN A 25 26.57 9.34 23.42
CA GLN A 25 25.51 9.04 22.46
C GLN A 25 24.60 10.26 22.30
N PHE A 26 24.29 10.90 23.43
CA PHE A 26 23.51 12.13 23.44
C PHE A 26 24.45 13.34 23.44
N ALA A 44 33.29 7.23 46.05
CA ALA A 44 33.37 8.61 46.61
C ALA A 44 31.99 9.10 47.00
N VAL A 45 31.85 10.41 47.21
CA VAL A 45 30.57 11.03 47.53
C VAL A 45 29.67 10.94 46.31
N LYS A 46 30.28 10.83 45.12
CA LYS A 46 29.56 10.58 43.88
C LYS A 46 28.77 9.28 43.98
N GLN A 47 29.47 8.20 44.37
CA GLN A 47 28.86 6.87 44.43
C GLN A 47 27.91 6.76 45.62
N ALA A 48 28.11 7.61 46.64
CA ALA A 48 27.19 7.68 47.77
C ALA A 48 25.81 8.12 47.29
N LEU A 49 25.79 9.14 46.42
CA LEU A 49 24.56 9.66 45.84
C LEU A 49 23.93 8.66 44.87
N ARG A 50 24.78 7.88 44.19
CA ARG A 50 24.33 6.91 43.20
C ARG A 50 23.43 5.85 43.83
N GLU A 51 23.58 5.64 45.14
CA GLU A 51 22.73 4.72 45.89
C GLU A 51 21.58 5.50 46.52
N ALA A 52 21.92 6.57 47.25
CA ALA A 52 20.95 7.38 47.97
C ALA A 52 19.69 7.57 47.15
N GLY A 53 19.86 7.87 45.84
CA GLY A 53 18.76 7.96 44.91
C GLY A 53 18.31 6.59 44.42
N ALA A 63 6.20 10.43 45.99
CA ALA A 63 5.73 11.52 45.09
C ALA A 63 6.65 11.61 43.86
N PHE A 64 6.85 10.46 43.20
CA PHE A 64 7.59 10.39 41.96
C PHE A 64 6.66 10.79 40.80
N SER A 65 5.35 10.70 41.04
CA SER A 65 4.34 11.14 40.10
C SER A 65 4.55 12.60 39.71
N ASP A 66 5.11 13.39 40.64
CA ASP A 66 5.52 14.76 40.38
C ASP A 66 6.36 14.83 39.10
N LEU A 67 7.31 13.91 38.96
CA LEU A 67 8.30 13.96 37.90
C LEU A 67 7.63 13.77 36.52
N THR A 68 6.48 13.07 36.49
CA THR A 68 5.77 12.78 35.26
C THR A 68 4.58 13.72 35.08
N SER A 69 3.76 13.84 36.12
CA SER A 69 2.48 14.53 36.03
C SER A 69 2.68 16.05 36.02
N GLN A 70 3.29 16.57 37.11
CA GLN A 70 3.37 18.01 37.33
C GLN A 70 4.26 18.67 36.27
N LEU A 71 5.37 18.00 35.90
CA LEU A 71 6.15 18.43 34.75
C LEU A 71 5.54 17.86 33.48
N HIS A 72 5.74 18.59 32.37
CA HIS A 72 5.56 18.04 31.03
C HIS A 72 6.81 18.37 30.23
N ILE A 73 7.79 17.47 30.33
CA ILE A 73 9.06 17.64 29.63
C ILE A 73 8.80 17.46 28.14
N THR A 74 9.39 18.36 27.35
CA THR A 74 9.06 18.55 25.96
C THR A 74 10.09 19.52 25.38
N PRO A 75 10.48 19.41 24.08
CA PRO A 75 11.58 20.23 23.56
C PRO A 75 11.50 21.70 23.95
N GLY A 76 10.32 22.31 23.71
CA GLY A 76 10.08 23.68 24.10
C GLY A 76 9.73 23.79 25.58
N THR A 77 8.72 23.01 26.00
CA THR A 77 8.28 22.99 27.38
C THR A 77 9.45 22.63 28.29
N ALA A 78 9.31 22.96 29.58
CA ALA A 78 10.41 22.87 30.53
C ALA A 78 11.49 23.88 30.16
N TYR A 79 11.09 25.00 29.54
CA TYR A 79 11.99 26.05 29.14
C TYR A 79 12.76 26.52 30.38
N GLN A 80 12.00 26.89 31.42
CA GLN A 80 12.54 27.09 32.75
C GLN A 80 11.40 26.92 33.77
N SER A 81 10.46 26.02 33.44
CA SER A 81 9.43 25.57 34.37
C SER A 81 10.06 24.56 35.34
N PHE A 82 11.22 24.03 34.95
CA PHE A 82 12.08 23.22 35.80
C PHE A 82 12.41 23.97 37.09
N GLU A 83 12.65 25.29 36.99
CA GLU A 83 13.05 26.07 38.16
C GLU A 83 11.91 26.11 39.17
N GLN A 84 10.70 26.38 38.69
CA GLN A 84 9.51 26.42 39.53
C GLN A 84 9.32 25.08 40.25
N VAL A 85 9.54 23.99 39.52
CA VAL A 85 9.29 22.65 40.02
C VAL A 85 10.24 22.33 41.18
N VAL A 86 11.52 22.72 41.03
CA VAL A 86 12.54 22.38 42.02
C VAL A 86 12.37 23.31 43.23
N ASN A 87 11.88 24.53 42.99
CA ASN A 87 11.64 25.49 44.05
C ASN A 87 10.65 24.93 45.07
N GLU A 88 9.68 24.13 44.59
CA GLU A 88 8.71 23.48 45.46
C GLU A 88 9.43 22.92 46.69
N LEU A 89 10.50 22.14 46.44
CA LEU A 89 11.34 21.61 47.49
C LEU A 89 12.65 22.40 47.53
N ARG A 98 16.94 15.65 49.84
CA ARG A 98 16.26 16.78 49.14
C ARG A 98 17.15 17.30 48.02
N ILE A 99 18.37 17.71 48.36
CA ILE A 99 19.39 18.04 47.38
C ILE A 99 19.77 16.75 46.65
N VAL A 100 19.70 15.63 47.38
CA VAL A 100 19.82 14.30 46.81
C VAL A 100 18.65 14.05 45.86
N ALA A 101 17.44 14.37 46.33
CA ALA A 101 16.22 14.23 45.54
C ALA A 101 16.25 15.15 44.32
N PHE A 102 17.03 16.24 44.41
CA PHE A 102 17.24 17.14 43.28
C PHE A 102 18.07 16.46 42.21
N PHE A 103 19.25 15.95 42.60
CA PHE A 103 20.15 15.27 41.68
C PHE A 103 19.45 14.08 41.03
N SER A 104 18.67 13.34 41.85
CA SER A 104 17.91 12.19 41.38
C SER A 104 16.83 12.61 40.39
N PHE A 105 16.06 13.63 40.78
CA PHE A 105 15.00 14.19 39.94
C PHE A 105 15.49 14.36 38.51
N GLY A 106 16.67 14.98 38.34
CA GLY A 106 17.21 15.27 37.02
C GLY A 106 17.64 14.00 36.26
N GLY A 107 18.00 12.95 37.02
CA GLY A 107 18.31 11.66 36.42
C GLY A 107 17.09 11.03 35.75
N ALA A 108 15.94 11.10 36.43
CA ALA A 108 14.70 10.50 35.95
C ALA A 108 14.16 11.29 34.76
N LEU A 109 14.37 12.61 34.75
CA LEU A 109 14.00 13.44 33.62
C LEU A 109 14.71 12.95 32.37
N CYS A 110 16.01 12.66 32.50
CA CYS A 110 16.82 12.24 31.37
C CYS A 110 16.39 10.86 30.89
N VAL A 111 16.07 9.96 31.83
CA VAL A 111 15.50 8.67 31.49
C VAL A 111 14.21 8.90 30.70
N GLU A 112 13.33 9.72 31.27
CA GLU A 112 12.02 10.00 30.68
C GLU A 112 12.18 10.74 29.35
N SER A 113 13.23 11.57 29.24
CA SER A 113 13.53 12.30 28.02
C SER A 113 13.81 11.34 26.87
N VAL A 114 14.69 10.36 27.13
CA VAL A 114 15.09 9.37 26.12
C VAL A 114 13.92 8.43 25.81
N ASP A 115 13.10 8.13 26.83
CA ASP A 115 11.91 7.31 26.67
C ASP A 115 10.97 7.94 25.63
N LYS A 116 10.71 9.24 25.78
CA LYS A 116 9.74 9.94 24.93
C LYS A 116 10.36 10.32 23.60
N GLU A 117 11.62 9.90 23.36
CA GLU A 117 12.33 10.16 22.12
C GLU A 117 12.81 11.61 22.09
N MET A 118 12.96 12.21 23.28
CA MET A 118 13.34 13.61 23.41
C MET A 118 14.72 13.68 24.05
N GLN A 119 15.68 13.03 23.38
CA GLN A 119 17.00 12.75 23.93
C GLN A 119 17.77 14.06 24.07
N VAL A 120 17.50 15.01 23.16
CA VAL A 120 18.20 16.28 23.08
C VAL A 120 18.21 16.98 24.43
N LEU A 121 17.13 16.79 25.21
CA LEU A 121 16.91 17.55 26.43
C LEU A 121 17.92 17.20 27.52
N VAL A 122 18.47 15.98 27.47
CA VAL A 122 19.44 15.54 28.45
C VAL A 122 20.61 16.54 28.48
N SER A 123 20.99 17.04 27.30
CA SER A 123 21.99 18.09 27.18
C SER A 123 21.62 19.26 28.09
N ARG A 124 20.37 19.74 27.96
CA ARG A 124 19.90 20.93 28.63
C ARG A 124 19.69 20.68 30.13
N ILE A 125 19.05 19.55 30.46
CA ILE A 125 18.66 19.27 31.83
C ILE A 125 19.88 19.40 32.74
N ALA A 126 21.04 18.94 32.24
CA ALA A 126 22.29 19.10 32.95
C ALA A 126 22.67 20.58 33.05
N ALA A 127 22.57 21.29 31.92
CA ALA A 127 22.85 22.71 31.88
C ALA A 127 21.97 23.46 32.88
N TRP A 128 20.70 23.08 32.98
CA TRP A 128 19.77 23.68 33.92
C TRP A 128 20.14 23.32 35.35
N MET A 129 20.37 22.02 35.59
CA MET A 129 20.67 21.50 36.92
C MET A 129 21.90 22.19 37.49
N ALA A 130 22.90 22.43 36.63
CA ALA A 130 24.13 23.12 37.01
C ALA A 130 23.81 24.53 37.50
N THR A 131 22.91 25.22 36.79
CA THR A 131 22.58 26.60 37.07
C THR A 131 21.79 26.70 38.37
N TYR A 132 20.80 25.81 38.55
CA TYR A 132 19.88 25.90 39.67
C TYR A 132 20.63 25.78 41.00
N LEU A 133 21.57 24.82 41.08
CA LEU A 133 22.40 24.67 42.26
C LEU A 133 23.06 26.00 42.60
N ASN A 134 23.84 26.52 41.65
CA ASN A 134 24.60 27.76 41.84
C ASN A 134 23.69 28.85 42.41
N ASP A 135 22.46 28.93 41.90
CA ASP A 135 21.56 30.03 42.21
C ASP A 135 20.83 29.79 43.53
N HIS A 136 20.37 28.56 43.77
CA HIS A 136 19.44 28.27 44.85
C HIS A 136 20.13 27.49 45.97
N LEU A 137 20.71 26.33 45.64
CA LEU A 137 21.10 25.35 46.64
C LEU A 137 22.56 25.54 47.06
N GLU A 138 23.41 26.07 46.18
CA GLU A 138 24.84 26.18 46.40
C GLU A 138 25.14 26.86 47.73
N PRO A 139 24.51 28.00 48.09
CA PRO A 139 24.75 28.64 49.39
C PRO A 139 24.61 27.73 50.60
N TRP A 140 23.60 26.84 50.60
CA TRP A 140 23.40 25.89 51.68
C TRP A 140 24.58 24.91 51.76
N ILE A 141 25.35 24.82 50.68
CA ILE A 141 26.45 23.87 50.57
C ILE A 141 27.79 24.55 50.86
N GLN A 142 27.84 25.89 50.78
CA GLN A 142 29.11 26.61 50.93
C GLN A 142 29.57 26.59 52.38
N GLU A 143 28.62 26.43 53.31
CA GLU A 143 28.93 26.29 54.73
C GLU A 143 29.76 25.02 54.97
N VAL A 178 -7.05 7.61 38.70
CA VAL A 178 -5.83 8.48 38.53
C VAL A 178 -4.83 7.72 37.64
N PRO A 179 -5.10 7.56 36.33
CA PRO A 179 -4.31 6.65 35.50
C PRO A 179 -2.91 7.20 35.25
N SER A 180 -1.92 6.30 35.21
CA SER A 180 -0.54 6.71 34.99
C SER A 180 -0.37 7.16 33.55
N GLN A 181 0.45 8.20 33.36
CA GLN A 181 0.78 8.72 32.04
C GLN A 181 2.25 8.51 31.77
N LYS A 182 2.89 7.62 32.55
CA LYS A 182 4.31 7.38 32.46
C LYS A 182 4.61 6.57 31.20
N THR A 183 5.56 7.07 30.39
CA THR A 183 5.88 6.46 29.12
C THR A 183 6.69 5.19 29.34
N TYR A 184 6.30 4.13 28.61
CA TYR A 184 7.03 2.88 28.54
C TYR A 184 6.97 2.38 27.10
N GLN A 185 8.14 2.05 26.51
CA GLN A 185 8.19 1.53 25.15
C GLN A 185 8.03 0.00 25.18
N GLY A 186 8.53 -0.65 26.23
CA GLY A 186 8.31 -2.07 26.47
C GLY A 186 9.07 -2.95 25.48
N SER A 187 8.71 -4.24 25.44
CA SER A 187 9.42 -5.24 24.63
C SER A 187 9.42 -4.84 23.16
N TYR A 188 8.28 -4.30 22.71
CA TYR A 188 8.02 -4.13 21.29
C TYR A 188 8.53 -2.78 20.79
N GLY A 189 9.09 -1.97 21.71
CA GLY A 189 9.58 -0.64 21.35
C GLY A 189 8.45 0.21 20.77
N PHE A 190 7.44 0.47 21.61
CA PHE A 190 6.19 1.10 21.20
C PHE A 190 6.35 2.62 21.16
N ARG A 191 6.17 3.20 19.96
CA ARG A 191 6.31 4.63 19.73
C ARG A 191 5.08 5.16 18.99
N LEU A 192 4.80 6.45 19.15
CA LEU A 192 3.75 7.13 18.42
C LEU A 192 4.38 7.99 17.33
N GLY A 193 3.88 7.84 16.09
CA GLY A 193 4.21 8.72 15.00
C GLY A 193 3.02 9.59 14.62
N PHE A 194 3.30 10.68 13.89
CA PHE A 194 2.31 11.66 13.45
C PHE A 194 2.67 12.17 12.06
N LEU A 195 1.66 12.38 11.21
CA LEU A 195 1.88 13.01 9.91
C LEU A 195 2.39 14.44 10.15
N HIS A 196 3.22 14.92 9.22
CA HIS A 196 3.83 16.25 9.29
C HIS A 196 3.12 17.16 8.30
N SER A 197 2.07 17.85 8.78
CA SER A 197 1.02 18.36 7.91
C SER A 197 1.03 19.88 7.80
N GLY A 198 1.83 20.56 8.64
CA GLY A 198 2.02 22.00 8.54
C GLY A 198 1.04 22.79 9.40
N THR A 199 0.95 24.10 9.14
CA THR A 199 0.11 24.99 9.93
C THR A 199 -0.70 25.94 9.04
N ALA A 200 -0.83 25.60 7.77
CA ALA A 200 -1.71 26.31 6.86
C ALA A 200 -3.15 26.17 7.37
N LYS A 201 -3.99 27.18 7.11
CA LYS A 201 -5.28 27.29 7.77
C LYS A 201 -6.24 26.21 7.29
N SER A 202 -5.89 25.49 6.21
CA SER A 202 -6.74 24.44 5.66
C SER A 202 -6.45 23.09 6.32
N VAL A 203 -5.49 23.04 7.26
CA VAL A 203 -5.20 21.78 7.93
C VAL A 203 -6.29 21.52 8.96
N THR A 204 -6.72 20.26 9.03
CA THR A 204 -7.71 19.78 9.97
C THR A 204 -7.01 19.32 11.24
N CYS A 205 -5.74 18.95 11.10
CA CYS A 205 -5.05 18.11 12.08
C CYS A 205 -3.54 18.27 11.91
N THR A 206 -2.86 18.70 12.99
CA THR A 206 -1.42 18.93 12.96
C THR A 206 -0.84 18.76 14.37
N TYR A 207 0.43 18.33 14.43
CA TYR A 207 1.08 17.98 15.67
C TYR A 207 2.32 18.86 15.89
N SER A 208 2.49 19.35 17.12
CA SER A 208 3.66 20.12 17.51
C SER A 208 4.65 19.21 18.27
N PRO A 209 5.76 18.76 17.64
CA PRO A 209 6.80 18.03 18.37
C PRO A 209 7.38 18.83 19.53
N ALA A 210 7.48 20.14 19.37
CA ALA A 210 8.09 21.01 20.37
C ALA A 210 7.22 21.08 21.62
N LEU A 211 5.90 20.93 21.45
CA LEU A 211 4.96 21.01 22.55
C LEU A 211 4.36 19.63 22.86
N ASN A 212 4.73 18.62 22.07
CA ASN A 212 4.18 17.29 22.23
C ASN A 212 2.66 17.41 22.33
N LYS A 213 2.07 18.08 21.33
CA LYS A 213 0.69 18.53 21.40
C LYS A 213 0.03 18.39 20.03
N MET A 214 -1.19 17.85 20.04
CA MET A 214 -1.96 17.63 18.83
C MET A 214 -3.04 18.72 18.73
N PHE A 215 -3.20 19.29 17.53
CA PHE A 215 -4.22 20.29 17.26
C PHE A 215 -5.14 19.76 16.15
N CYS A 216 -6.44 19.64 16.45
CA CYS A 216 -7.40 19.10 15.50
C CYS A 216 -8.78 19.74 15.65
N GLN A 217 -9.56 19.70 14.56
CA GLN A 217 -10.92 20.19 14.56
C GLN A 217 -11.85 19.12 15.14
N LEU A 218 -13.08 19.53 15.47
CA LEU A 218 -14.05 18.64 16.07
C LEU A 218 -14.58 17.66 15.02
N ALA A 219 -14.61 16.37 15.38
CA ALA A 219 -15.12 15.30 14.53
C ALA A 219 -14.32 15.16 13.24
N LYS A 220 -13.07 15.65 13.23
CA LYS A 220 -12.20 15.51 12.09
C LYS A 220 -11.24 14.34 12.32
N THR A 221 -10.72 13.81 11.21
CA THR A 221 -9.81 12.69 11.22
C THR A 221 -8.53 13.08 11.95
N CYS A 222 -8.07 12.22 12.86
CA CYS A 222 -6.77 12.38 13.49
C CYS A 222 -5.96 11.11 13.30
N PRO A 223 -5.03 11.07 12.32
CA PRO A 223 -4.10 9.95 12.19
C PRO A 223 -3.10 9.93 13.35
N VAL A 224 -3.12 8.85 14.13
CA VAL A 224 -2.08 8.57 15.11
C VAL A 224 -1.37 7.28 14.68
N GLN A 225 -0.09 7.37 14.33
CA GLN A 225 0.67 6.21 13.93
C GLN A 225 1.24 5.49 15.15
N LEU A 226 1.21 4.15 15.11
CA LEU A 226 1.93 3.34 16.08
C LEU A 226 3.18 2.76 15.42
N TRP A 227 4.31 2.83 16.13
CA TRP A 227 5.57 2.29 15.65
C TRP A 227 6.10 1.26 16.64
N VAL A 228 6.54 0.11 16.14
CA VAL A 228 7.06 -0.95 17.00
C VAL A 228 8.40 -1.46 16.47
N ASP A 229 9.35 -1.69 17.40
CA ASP A 229 10.57 -2.42 17.09
C ASP A 229 10.19 -3.83 16.67
N SER A 230 9.44 -4.52 17.54
CA SER A 230 9.03 -5.89 17.30
C SER A 230 7.52 -5.96 17.13
N THR A 231 7.07 -6.74 16.13
CA THR A 231 5.67 -7.01 15.90
C THR A 231 5.07 -7.72 17.12
N PRO A 232 4.11 -7.11 17.86
CA PRO A 232 3.42 -7.79 18.94
C PRO A 232 2.42 -8.83 18.41
N PRO A 233 2.17 -9.92 19.18
CA PRO A 233 1.41 -11.07 18.66
C PRO A 233 -0.05 -10.75 18.35
N PRO A 234 -0.76 -11.64 17.61
CA PRO A 234 -2.19 -11.46 17.34
C PRO A 234 -3.04 -11.46 18.60
N GLY A 235 -4.05 -10.59 18.62
CA GLY A 235 -4.91 -10.41 19.78
C GLY A 235 -4.45 -9.25 20.67
N THR A 236 -3.33 -8.61 20.29
CA THR A 236 -2.88 -7.36 20.87
C THR A 236 -3.87 -6.26 20.51
N ARG A 237 -4.12 -5.34 21.45
CA ARG A 237 -5.12 -4.29 21.29
C ARG A 237 -4.52 -2.93 21.63
N VAL A 238 -5.09 -1.88 21.02
CA VAL A 238 -4.63 -0.50 21.17
C VAL A 238 -5.76 0.33 21.78
N ARG A 239 -5.52 0.90 22.97
CA ARG A 239 -6.55 1.58 23.74
C ARG A 239 -6.17 3.05 23.94
N ALA A 240 -7.14 3.94 23.70
CA ALA A 240 -6.98 5.37 23.94
C ALA A 240 -7.87 5.79 25.10
N MET A 241 -7.33 6.63 26.00
CA MET A 241 -8.07 7.22 27.09
C MET A 241 -7.61 8.67 27.25
N ALA A 242 -8.50 9.54 27.72
CA ALA A 242 -8.15 10.94 27.94
C ALA A 242 -8.27 11.30 29.42
N ILE A 243 -7.34 12.16 29.87
CA ILE A 243 -7.34 12.70 31.22
C ILE A 243 -7.02 14.19 31.15
N TYR A 244 -7.28 14.89 32.26
CA TYR A 244 -6.96 16.30 32.37
C TYR A 244 -5.47 16.45 32.69
N LYS A 245 -4.82 17.42 32.01
CA LYS A 245 -3.41 17.70 32.18
C LYS A 245 -3.14 18.33 33.54
N GLN A 246 -4.14 19.06 34.07
CA GLN A 246 -4.03 19.78 35.32
C GLN A 246 -4.30 18.84 36.49
N SER A 247 -3.57 19.04 37.60
CA SER A 247 -3.69 18.20 38.77
C SER A 247 -5.06 18.37 39.44
N GLN A 248 -5.58 19.60 39.44
CA GLN A 248 -6.83 19.92 40.13
C GLN A 248 -8.02 19.31 39.40
N HIS A 249 -7.77 18.73 38.21
CA HIS A 249 -8.83 18.13 37.41
C HIS A 249 -8.53 16.66 37.11
N MET A 250 -7.39 16.14 37.60
CA MET A 250 -6.92 14.83 37.18
C MET A 250 -7.84 13.72 37.69
N THR A 251 -8.65 14.00 38.71
CA THR A 251 -9.54 13.00 39.29
C THR A 251 -10.90 12.99 38.59
N GLU A 252 -11.25 14.09 37.92
CA GLU A 252 -12.51 14.20 37.20
C GLU A 252 -12.42 13.45 35.88
N VAL A 253 -13.45 12.65 35.58
CA VAL A 253 -13.50 11.86 34.35
C VAL A 253 -13.81 12.78 33.19
N VAL A 254 -13.09 12.58 32.08
CA VAL A 254 -13.26 13.37 30.87
C VAL A 254 -14.44 12.78 30.08
N ARG A 255 -15.37 13.66 29.67
CA ARG A 255 -16.57 13.27 28.94
C ARG A 255 -17.07 14.46 28.11
N ARG A 256 -18.00 14.19 27.19
CA ARG A 256 -18.50 15.20 26.26
C ARG A 256 -19.45 16.16 26.99
N CYS A 257 -19.77 17.26 26.30
CA CYS A 257 -20.67 18.29 26.80
C CYS A 257 -22.10 17.99 26.31
N PRO A 258 -23.14 18.48 27.02
CA PRO A 258 -24.53 18.10 26.71
C PRO A 258 -24.94 18.30 25.26
N HIS A 259 -24.53 19.42 24.66
CA HIS A 259 -24.87 19.77 23.30
C HIS A 259 -24.36 18.68 22.35
N HIS A 260 -23.04 18.45 22.38
CA HIS A 260 -22.40 17.47 21.51
C HIS A 260 -22.90 16.08 21.88
N GLU A 261 -23.09 15.84 23.18
CA GLU A 261 -23.62 14.59 23.68
C GLU A 261 -24.92 14.24 22.96
N ARG A 262 -25.77 15.26 22.77
CA ARG A 262 -27.09 15.11 22.18
C ARG A 262 -27.07 15.67 20.76
N CYS A 263 -26.52 14.90 19.83
CA CYS A 263 -26.29 15.37 18.47
C CYS A 263 -26.41 14.20 17.49
N SER A 264 -27.02 14.47 16.33
CA SER A 264 -27.27 13.45 15.32
C SER A 264 -25.99 13.17 14.54
N ASP A 265 -24.93 12.75 15.27
CA ASP A 265 -23.60 12.57 14.72
C ASP A 265 -23.10 11.14 14.97
N SER A 266 -23.91 10.34 15.68
CA SER A 266 -23.47 9.05 16.20
C SER A 266 -23.17 8.09 15.05
N ASP A 267 -22.09 7.30 15.23
CA ASP A 267 -21.65 6.35 14.21
C ASP A 267 -22.33 5.00 14.43
N GLY A 268 -23.13 4.88 15.51
CA GLY A 268 -23.86 3.66 15.80
C GLY A 268 -23.11 2.75 16.76
N LEU A 269 -21.89 3.16 17.13
CA LEU A 269 -20.96 2.31 17.87
C LEU A 269 -20.50 3.02 19.15
N ALA A 270 -19.97 4.23 19.00
CA ALA A 270 -19.48 5.00 20.13
C ALA A 270 -20.63 5.40 21.05
N PRO A 271 -20.49 5.25 22.39
CA PRO A 271 -21.42 5.86 23.33
C PRO A 271 -21.64 7.33 22.96
N PRO A 272 -22.81 7.92 23.28
CA PRO A 272 -23.04 9.33 22.98
C PRO A 272 -22.13 10.26 23.80
N GLN A 273 -21.49 9.71 24.83
CA GLN A 273 -20.87 10.49 25.89
C GLN A 273 -19.34 10.46 25.81
N HIS A 274 -18.77 9.60 24.96
CA HIS A 274 -17.32 9.46 24.86
C HIS A 274 -16.73 10.52 23.93
N LEU A 275 -15.64 11.15 24.39
CA LEU A 275 -14.90 12.15 23.63
C LEU A 275 -14.19 11.53 22.43
N ILE A 276 -13.46 10.43 22.65
CA ILE A 276 -12.61 9.87 21.60
C ILE A 276 -13.34 8.73 20.90
N ARG A 277 -13.41 8.84 19.56
CA ARG A 277 -13.89 7.77 18.71
C ARG A 277 -12.80 7.34 17.75
N VAL A 278 -13.00 6.19 17.12
CA VAL A 278 -12.13 5.71 16.05
C VAL A 278 -12.95 5.70 14.77
N GLU A 279 -12.27 5.90 13.63
CA GLU A 279 -12.92 6.08 12.34
C GLU A 279 -12.61 4.88 11.46
N GLY A 280 -13.59 4.46 10.65
CA GLY A 280 -13.40 3.41 9.67
C GLY A 280 -12.90 2.11 10.29
N ASN A 281 -13.57 1.68 11.36
CA ASN A 281 -13.20 0.45 12.04
C ASN A 281 -14.42 -0.10 12.76
N LEU A 282 -14.97 -1.20 12.24
CA LEU A 282 -16.15 -1.84 12.80
C LEU A 282 -15.76 -2.72 14.00
N ARG A 283 -14.46 -2.99 14.15
CA ARG A 283 -13.96 -3.89 15.19
C ARG A 283 -13.67 -3.10 16.47
N VAL A 284 -14.03 -1.81 16.46
CA VAL A 284 -13.78 -0.92 17.59
C VAL A 284 -14.67 -1.34 18.76
N GLU A 285 -14.32 -0.86 19.96
CA GLU A 285 -14.97 -1.24 21.19
C GLU A 285 -14.71 -0.17 22.25
N TYR A 286 -15.76 0.20 23.00
CA TYR A 286 -15.70 1.31 23.95
C TYR A 286 -15.96 0.78 25.34
N LEU A 287 -15.37 1.44 26.36
CA LEU A 287 -15.48 0.99 27.73
C LEU A 287 -15.69 2.16 28.69
N ASP A 288 -16.68 1.98 29.58
CA ASP A 288 -16.77 2.75 30.82
C ASP A 288 -16.36 1.82 31.96
N ASP A 289 -15.18 2.10 32.54
CA ASP A 289 -14.63 1.31 33.62
C ASP A 289 -15.62 1.31 34.79
N ARG A 290 -15.91 0.12 35.32
CA ARG A 290 -17.02 -0.03 36.26
C ARG A 290 -16.61 0.46 37.65
N ASN A 291 -15.31 0.64 37.89
CA ASN A 291 -14.81 1.03 39.20
C ASN A 291 -14.26 2.47 39.20
N THR A 292 -13.92 3.01 38.02
CA THR A 292 -13.34 4.34 37.94
C THR A 292 -14.18 5.26 37.05
N PHE A 293 -15.10 4.68 36.26
CA PHE A 293 -16.04 5.43 35.44
C PHE A 293 -15.32 6.18 34.32
N ARG A 294 -14.07 5.78 34.00
CA ARG A 294 -13.27 6.45 32.99
C ARG A 294 -13.55 5.84 31.63
N HIS A 295 -13.71 6.70 30.61
CA HIS A 295 -14.05 6.27 29.28
C HIS A 295 -12.80 5.81 28.55
N SER A 296 -12.96 4.80 27.69
CA SER A 296 -11.86 4.25 26.90
C SER A 296 -12.40 3.82 25.54
N VAL A 297 -11.51 3.81 24.54
CA VAL A 297 -11.80 3.20 23.25
C VAL A 297 -10.62 2.30 22.88
N VAL A 298 -10.93 1.09 22.38
CA VAL A 298 -9.93 0.09 22.06
C VAL A 298 -10.20 -0.49 20.67
N VAL A 299 -9.14 -0.75 19.92
CA VAL A 299 -9.22 -1.47 18.65
C VAL A 299 -8.15 -2.56 18.63
N PRO A 300 -8.32 -3.63 17.83
CA PRO A 300 -7.27 -4.64 17.65
C PRO A 300 -6.09 -4.08 16.86
N TYR A 301 -4.88 -4.34 17.38
CA TYR A 301 -3.65 -3.98 16.70
C TYR A 301 -3.49 -4.81 15.43
N GLU A 302 -3.14 -4.14 14.34
CA GLU A 302 -2.87 -4.81 13.08
C GLU A 302 -1.49 -4.32 12.61
N PRO A 303 -0.60 -5.22 12.15
CA PRO A 303 0.73 -4.79 11.69
C PRO A 303 0.61 -3.91 10.46
N PRO A 304 1.64 -3.08 10.14
CA PRO A 304 1.61 -2.23 8.95
C PRO A 304 1.15 -2.94 7.69
N GLU A 305 0.44 -2.20 6.83
CA GLU A 305 -0.03 -2.73 5.56
C GLU A 305 1.16 -2.86 4.60
N VAL A 306 0.93 -3.51 3.46
CA VAL A 306 1.96 -3.72 2.46
C VAL A 306 2.58 -2.38 2.06
N GLY A 307 3.88 -2.23 2.32
CA GLY A 307 4.63 -1.04 1.94
C GLY A 307 4.94 -0.15 3.14
N SER A 308 3.93 0.11 3.96
CA SER A 308 4.04 1.01 5.10
C SER A 308 4.96 0.43 6.16
N ASP A 309 5.42 1.29 7.08
CA ASP A 309 6.31 0.91 8.16
C ASP A 309 5.68 1.27 9.50
N CYS A 310 4.36 1.45 9.53
CA CYS A 310 3.66 1.87 10.74
C CYS A 310 2.16 1.61 10.63
N THR A 311 1.52 1.46 11.79
CA THR A 311 0.08 1.27 11.88
C THR A 311 -0.58 2.63 12.10
N THR A 312 -1.69 2.88 11.38
CA THR A 312 -2.36 4.17 11.38
C THR A 312 -3.78 4.02 11.89
N ILE A 313 -4.05 4.63 13.06
CA ILE A 313 -5.40 4.69 13.61
C ILE A 313 -5.97 6.08 13.39
N HIS A 314 -7.26 6.14 13.04
CA HIS A 314 -7.97 7.38 12.77
C HIS A 314 -8.90 7.71 13.93
N TYR A 315 -8.47 8.63 14.81
CA TYR A 315 -9.26 9.04 15.95
C TYR A 315 -10.07 10.30 15.62
N ASN A 316 -11.16 10.51 16.38
CA ASN A 316 -11.97 11.71 16.33
C ASN A 316 -12.17 12.25 17.74
N TYR A 317 -12.12 13.59 17.89
CA TYR A 317 -12.47 14.24 19.14
C TYR A 317 -13.80 14.96 18.91
N MET A 318 -14.81 14.60 19.70
CA MET A 318 -16.20 14.90 19.38
C MET A 318 -16.72 16.02 20.29
N CYS A 319 -15.79 16.89 20.75
CA CYS A 319 -16.10 17.97 21.67
C CYS A 319 -14.88 18.90 21.73
N ASN A 320 -15.12 20.21 21.76
CA ASN A 320 -14.04 21.18 21.71
C ASN A 320 -13.44 21.40 23.09
N SER A 321 -12.20 21.91 23.11
CA SER A 321 -11.52 22.29 24.34
C SER A 321 -12.31 23.35 25.09
N SER A 322 -12.94 24.25 24.34
CA SER A 322 -13.61 25.43 24.88
C SER A 322 -15.03 25.11 25.36
N CYS A 323 -15.55 23.92 25.02
CA CYS A 323 -16.91 23.55 25.36
C CYS A 323 -17.16 23.64 26.86
N MET A 324 -18.12 24.49 27.23
CA MET A 324 -18.69 24.50 28.58
C MET A 324 -19.73 23.39 28.67
N GLY A 325 -19.86 22.80 29.85
CA GLY A 325 -20.62 21.57 30.02
C GLY A 325 -19.74 20.33 29.84
N GLY A 326 -18.52 20.54 29.32
CA GLY A 326 -17.53 19.48 29.19
C GLY A 326 -16.17 19.92 29.72
N MET A 327 -15.16 19.93 28.84
CA MET A 327 -13.79 20.20 29.22
C MET A 327 -13.66 21.62 29.81
N ASN A 328 -14.53 22.52 29.36
CA ASN A 328 -14.64 23.86 29.92
C ASN A 328 -13.26 24.52 29.92
N ARG A 329 -12.62 24.51 28.75
CA ARG A 329 -11.40 25.28 28.48
C ARG A 329 -10.22 24.69 29.25
N ARG A 330 -10.32 23.43 29.68
CA ARG A 330 -9.26 22.76 30.40
C ARG A 330 -8.51 21.84 29.44
N PRO A 331 -7.15 21.83 29.47
CA PRO A 331 -6.37 21.01 28.55
C PRO A 331 -6.35 19.54 28.99
N ILE A 332 -6.22 18.64 28.01
CA ILE A 332 -6.28 17.22 28.25
C ILE A 332 -5.00 16.56 27.72
N LEU A 333 -4.73 15.35 28.24
CA LEU A 333 -3.78 14.44 27.64
C LEU A 333 -4.55 13.26 27.05
N THR A 334 -4.03 12.67 25.97
CA THR A 334 -4.50 11.39 25.49
C THR A 334 -3.44 10.33 25.80
N ILE A 335 -3.87 9.17 26.31
CA ILE A 335 -2.96 8.08 26.66
C ILE A 335 -3.24 6.88 25.76
N ILE A 336 -2.26 6.51 24.92
CA ILE A 336 -2.37 5.32 24.09
C ILE A 336 -1.57 4.19 24.74
N THR A 337 -2.26 3.12 25.12
CA THR A 337 -1.62 1.95 25.72
C THR A 337 -1.71 0.77 24.75
N LEU A 338 -0.68 -0.09 24.80
CA LEU A 338 -0.62 -1.29 23.97
C LEU A 338 -0.79 -2.50 24.88
N GLU A 339 -1.83 -3.31 24.62
CA GLU A 339 -2.24 -4.38 25.53
C GLU A 339 -2.27 -5.72 24.80
N ASP A 340 -2.08 -6.80 25.56
CA ASP A 340 -2.26 -8.16 25.05
C ASP A 340 -3.73 -8.54 25.18
N SER A 341 -4.07 -9.78 24.80
CA SER A 341 -5.45 -10.25 24.82
C SER A 341 -5.98 -10.37 26.24
N SER A 342 -5.09 -10.68 27.20
CA SER A 342 -5.47 -10.82 28.59
C SER A 342 -5.44 -9.46 29.30
N GLY A 343 -5.05 -8.41 28.57
CA GLY A 343 -5.15 -7.05 29.08
C GLY A 343 -3.92 -6.60 29.86
N ASN A 344 -2.85 -7.41 29.83
CA ASN A 344 -1.56 -6.98 30.36
C ASN A 344 -1.03 -5.84 29.50
N LEU A 345 -0.43 -4.85 30.17
CA LEU A 345 0.09 -3.67 29.50
C LEU A 345 1.48 -3.97 28.95
N LEU A 346 1.71 -3.56 27.70
CA LEU A 346 2.97 -3.75 27.01
C LEU A 346 3.71 -2.42 26.86
N GLY A 347 2.95 -1.34 26.58
CA GLY A 347 3.55 -0.03 26.38
C GLY A 347 2.56 1.10 26.63
N ARG A 348 3.08 2.32 26.81
CA ARG A 348 2.25 3.50 26.97
C ARG A 348 2.96 4.70 26.34
N ASN A 349 2.15 5.56 25.71
CA ASN A 349 2.58 6.86 25.20
C ASN A 349 1.42 7.83 25.37
N SER A 350 1.74 9.12 25.48
CA SER A 350 0.73 10.15 25.67
C SER A 350 1.14 11.42 24.95
N PHE A 351 0.13 12.24 24.62
CA PHE A 351 0.32 13.55 24.02
C PHE A 351 -0.81 14.46 24.47
N GLU A 352 -0.54 15.77 24.47
CA GLU A 352 -1.55 16.78 24.76
C GLU A 352 -2.45 16.95 23.54
N VAL A 353 -3.70 17.33 23.79
CA VAL A 353 -4.63 17.65 22.73
C VAL A 353 -5.26 19.00 23.04
N ARG A 354 -5.39 19.82 21.99
CA ARG A 354 -6.31 20.95 21.98
C ARG A 354 -7.22 20.78 20.77
N VAL A 355 -8.54 20.74 21.01
CA VAL A 355 -9.51 20.71 19.93
C VAL A 355 -10.05 22.13 19.77
N CYS A 356 -9.81 22.71 18.60
CA CYS A 356 -10.08 24.12 18.34
C CYS A 356 -10.66 24.27 16.93
N ALA A 357 -10.93 25.52 16.53
CA ALA A 357 -11.53 25.80 15.23
C ALA A 357 -10.47 25.73 14.14
N CYS A 358 -9.33 26.40 14.38
CA CYS A 358 -8.29 26.57 13.38
C CYS A 358 -6.96 26.06 13.94
N PRO A 359 -6.76 24.72 13.99
CA PRO A 359 -5.53 24.13 14.55
C PRO A 359 -4.21 24.71 14.05
N GLY A 360 -4.11 24.90 12.72
CA GLY A 360 -2.93 25.48 12.11
C GLY A 360 -2.52 26.80 12.76
N ARG A 361 -3.51 27.66 13.02
CA ARG A 361 -3.26 28.99 13.55
C ARG A 361 -2.87 28.89 15.03
N ASP A 362 -3.61 28.05 15.76
CA ASP A 362 -3.41 27.89 17.20
C ASP A 362 -2.01 27.29 17.44
N ARG A 363 -1.62 26.34 16.57
CA ARG A 363 -0.34 25.69 16.70
C ARG A 363 0.78 26.72 16.50
N ARG A 364 0.66 27.54 15.46
CA ARG A 364 1.68 28.52 15.14
C ARG A 364 1.83 29.52 16.29
N THR A 365 0.70 29.94 16.86
CA THR A 365 0.68 30.97 17.90
C THR A 365 1.42 30.49 19.15
N GLU A 366 1.19 29.24 19.56
CA GLU A 366 1.91 28.68 20.71
C GLU A 366 3.40 28.58 20.40
N GLU A 367 3.74 28.07 19.20
CA GLU A 367 5.14 27.83 18.85
C GLU A 367 5.87 29.15 18.68
N GLU A 368 5.20 30.17 18.10
CA GLU A 368 5.79 31.48 17.88
C GLU A 368 6.16 32.14 19.21
N ASN A 369 5.54 31.70 20.31
CA ASN A 369 5.81 32.21 21.65
C ASN A 369 7.17 31.73 22.16
N LEU A 370 7.65 30.60 21.63
CA LEU A 370 8.86 29.94 22.12
C LEU A 370 10.10 30.72 21.69
N ARG A 371 11.26 30.32 22.22
CA ARG A 371 12.54 30.94 21.85
C ARG A 371 12.87 30.55 20.40
N GLN B 2 19.61 -9.54 -20.21
CA GLN B 2 19.29 -8.19 -20.75
C GLN B 2 17.82 -7.89 -20.49
N SER B 3 16.94 -8.66 -21.16
CA SER B 3 15.50 -8.52 -21.03
C SER B 3 15.08 -8.96 -19.63
N ASN B 4 15.81 -9.94 -19.09
CA ASN B 4 15.46 -10.58 -17.83
C ASN B 4 15.99 -9.76 -16.66
N ARG B 5 17.09 -9.02 -16.87
CA ARG B 5 17.56 -8.08 -15.87
C ARG B 5 16.52 -6.99 -15.67
N GLU B 6 15.88 -6.57 -16.76
CA GLU B 6 14.83 -5.58 -16.71
C GLU B 6 13.76 -6.01 -15.70
N LEU B 7 13.29 -7.26 -15.81
CA LEU B 7 12.22 -7.79 -14.99
C LEU B 7 12.62 -7.74 -13.52
N VAL B 8 13.89 -8.09 -13.24
CA VAL B 8 14.41 -8.12 -11.88
C VAL B 8 14.41 -6.70 -11.33
N VAL B 9 15.13 -5.79 -12.01
CA VAL B 9 15.16 -4.39 -11.63
C VAL B 9 13.73 -3.90 -11.42
N ASP B 10 12.83 -4.32 -12.31
CA ASP B 10 11.44 -3.86 -12.30
C ASP B 10 10.75 -4.29 -11.02
N PHE B 11 10.98 -5.54 -10.58
CA PHE B 11 10.28 -6.08 -9.42
C PHE B 11 10.88 -5.53 -8.12
N LEU B 12 12.21 -5.34 -8.10
CA LEU B 12 12.88 -4.79 -6.94
C LEU B 12 12.57 -3.29 -6.83
N SER B 13 12.55 -2.61 -7.98
CA SER B 13 12.17 -1.20 -8.05
C SER B 13 10.78 -1.00 -7.44
N TYR B 14 9.86 -1.94 -7.72
CA TYR B 14 8.51 -1.89 -7.21
C TYR B 14 8.51 -2.05 -5.69
N LYS B 15 9.26 -3.03 -5.18
CA LYS B 15 9.29 -3.34 -3.76
C LYS B 15 10.10 -2.30 -3.00
N LEU B 16 10.93 -1.53 -3.72
CA LEU B 16 11.59 -0.36 -3.15
C LEU B 16 10.58 0.78 -3.04
N SER B 17 9.75 0.95 -4.07
CA SER B 17 8.78 2.04 -4.12
C SER B 17 7.65 1.82 -3.12
N GLN B 18 7.35 0.56 -2.77
CA GLN B 18 6.32 0.26 -1.80
C GLN B 18 6.74 0.81 -0.44
N LYS B 19 8.03 0.63 -0.10
CA LYS B 19 8.65 1.37 0.97
C LYS B 19 8.98 2.76 0.43
N GLY B 20 9.63 3.61 1.23
CA GLY B 20 9.95 4.96 0.80
C GLY B 20 11.34 5.04 0.16
N TYR B 21 11.51 4.38 -1.01
CA TYR B 21 12.80 4.29 -1.67
C TYR B 21 12.62 4.17 -3.18
N SER B 22 13.70 4.44 -3.92
CA SER B 22 13.72 4.35 -5.37
C SER B 22 15.02 3.73 -5.83
N TRP B 23 14.96 2.98 -6.95
CA TRP B 23 16.11 2.28 -7.51
C TRP B 23 17.29 3.22 -7.69
N SER B 24 17.00 4.48 -8.05
CA SER B 24 18.01 5.47 -8.37
C SER B 24 18.79 5.91 -7.13
N GLN B 25 18.26 5.61 -5.93
CA GLN B 25 18.95 5.90 -4.68
C GLN B 25 20.00 4.83 -4.38
N PHE B 26 20.19 3.87 -5.29
CA PHE B 26 21.04 2.71 -5.03
C PHE B 26 22.03 2.52 -6.17
N SER B 27 21.55 2.46 -7.42
CA SER B 27 22.42 2.42 -8.57
C SER B 27 21.66 2.80 -9.84
N ASP B 28 22.43 3.09 -10.90
CA ASP B 28 21.88 3.41 -12.22
C ASP B 28 22.71 2.71 -13.29
N GLU B 43 6.14 -5.29 -19.73
CA GLU B 43 4.80 -5.31 -20.38
C GLU B 43 3.75 -5.68 -19.33
N ALA B 44 2.73 -6.43 -19.77
CA ALA B 44 1.81 -7.12 -18.87
C ALA B 44 2.58 -8.19 -18.08
N VAL B 45 3.69 -8.64 -18.66
CA VAL B 45 4.60 -9.56 -18.00
C VAL B 45 5.08 -8.96 -16.69
N LYS B 46 5.66 -7.75 -16.77
CA LYS B 46 6.16 -7.03 -15.60
C LYS B 46 5.02 -6.82 -14.60
N GLN B 47 3.91 -6.28 -15.10
CA GLN B 47 2.76 -5.98 -14.27
C GLN B 47 2.25 -7.25 -13.60
N ALA B 48 2.27 -8.38 -14.33
CA ALA B 48 1.79 -9.65 -13.83
C ALA B 48 2.71 -10.15 -12.70
N LEU B 49 4.01 -9.92 -12.86
CA LEU B 49 5.01 -10.33 -11.89
C LEU B 49 4.75 -9.63 -10.56
N ARG B 50 4.54 -8.31 -10.64
CA ARG B 50 4.41 -7.45 -9.46
C ARG B 50 3.23 -7.84 -8.60
N GLU B 51 2.03 -7.93 -9.20
CA GLU B 51 0.79 -8.16 -8.47
C GLU B 51 0.79 -9.55 -7.85
N ALA B 52 1.54 -10.49 -8.44
CA ALA B 52 1.73 -11.81 -7.85
C ALA B 52 2.58 -11.70 -6.58
N GLY B 53 3.40 -10.65 -6.50
CA GLY B 53 4.31 -10.44 -5.37
C GLY B 53 3.58 -10.36 -4.03
N ASP B 54 4.29 -10.79 -2.98
CA ASP B 54 3.78 -10.84 -1.61
C ASP B 54 2.47 -11.61 -1.58
N GLU B 55 2.45 -12.71 -2.32
CA GLU B 55 1.22 -13.45 -2.59
C GLU B 55 1.58 -14.74 -3.34
N ALA B 63 5.47 -13.91 5.52
CA ALA B 63 6.82 -13.78 4.91
C ALA B 63 7.74 -14.87 5.44
N PHE B 64 8.97 -14.92 4.91
CA PHE B 64 9.94 -15.93 5.28
C PHE B 64 10.82 -15.41 6.42
N SER B 65 10.31 -15.54 7.65
CA SER B 65 11.06 -15.20 8.85
C SER B 65 12.08 -16.28 9.17
N ASP B 66 11.88 -17.47 8.58
CA ASP B 66 12.87 -18.54 8.66
C ASP B 66 14.09 -18.15 7.83
N LEU B 67 13.85 -17.76 6.57
CA LEU B 67 14.92 -17.48 5.62
C LEU B 67 15.71 -16.23 6.02
N THR B 68 15.09 -15.33 6.81
CA THR B 68 15.81 -14.19 7.36
C THR B 68 16.83 -14.66 8.39
N SER B 69 16.38 -15.52 9.31
CA SER B 69 17.24 -16.05 10.36
C SER B 69 18.20 -17.08 9.79
N GLN B 70 17.72 -17.90 8.85
CA GLN B 70 18.48 -19.00 8.29
C GLN B 70 19.52 -18.48 7.29
N LEU B 71 19.33 -17.26 6.77
CA LEU B 71 20.32 -16.64 5.90
C LEU B 71 20.57 -15.21 6.39
N HIS B 72 21.59 -15.06 7.25
CA HIS B 72 22.07 -13.75 7.65
C HIS B 72 22.66 -13.05 6.44
N ILE B 73 21.93 -12.05 5.93
CA ILE B 73 22.33 -11.31 4.74
C ILE B 73 23.44 -10.33 5.14
N THR B 74 24.59 -10.47 4.48
CA THR B 74 25.75 -9.61 4.71
C THR B 74 26.55 -9.48 3.42
N PRO B 75 27.48 -8.50 3.31
CA PRO B 75 28.41 -8.43 2.17
C PRO B 75 29.42 -9.59 2.15
N GLY B 76 29.35 -10.48 3.15
CA GLY B 76 30.09 -11.72 3.15
C GLY B 76 29.25 -12.90 2.66
N THR B 77 28.29 -12.62 1.77
CA THR B 77 27.52 -13.64 1.08
C THR B 77 27.81 -13.52 -0.41
N ALA B 78 27.71 -14.65 -1.14
CA ALA B 78 27.96 -14.67 -2.57
C ALA B 78 26.94 -15.58 -3.27
N TYR B 79 27.05 -15.65 -4.60
CA TYR B 79 26.08 -16.31 -5.45
C TYR B 79 25.75 -17.72 -4.96
N GLN B 80 26.79 -18.52 -4.70
CA GLN B 80 26.64 -19.93 -4.36
C GLN B 80 25.80 -20.10 -3.10
N SER B 81 25.98 -19.20 -2.13
CA SER B 81 25.23 -19.25 -0.88
C SER B 81 23.79 -18.80 -1.13
N PHE B 82 23.63 -17.79 -1.99
CA PHE B 82 22.32 -17.34 -2.45
C PHE B 82 21.60 -18.52 -3.12
N GLU B 83 22.34 -19.32 -3.88
CA GLU B 83 21.78 -20.46 -4.60
C GLU B 83 21.12 -21.43 -3.63
N GLN B 84 21.88 -21.89 -2.63
CA GLN B 84 21.45 -22.93 -1.71
C GLN B 84 20.07 -22.61 -1.14
N VAL B 85 19.88 -21.35 -0.72
CA VAL B 85 18.66 -20.94 -0.04
C VAL B 85 17.51 -20.89 -1.04
N VAL B 86 17.83 -20.62 -2.32
CA VAL B 86 16.82 -20.49 -3.36
C VAL B 86 16.54 -21.85 -4.00
N ASN B 87 17.58 -22.69 -4.11
CA ASN B 87 17.43 -24.06 -4.58
C ASN B 87 16.41 -24.81 -3.72
N GLU B 88 16.40 -24.48 -2.42
CA GLU B 88 15.41 -25.01 -1.48
C GLU B 88 14.04 -25.04 -2.15
N LEU B 89 13.69 -23.93 -2.81
CA LEU B 89 12.48 -23.87 -3.62
C LEU B 89 12.84 -24.15 -5.09
N ASN B 95 8.46 -24.40 -11.86
CA ASN B 95 7.06 -23.97 -11.63
C ASN B 95 7.01 -22.45 -11.58
N TRP B 96 5.91 -21.88 -12.11
CA TRP B 96 5.70 -20.44 -12.12
C TRP B 96 5.54 -19.93 -10.69
N GLY B 97 4.64 -20.56 -9.92
CA GLY B 97 4.37 -20.19 -8.54
C GLY B 97 5.61 -20.19 -7.66
N ARG B 98 6.65 -20.93 -8.07
CA ARG B 98 7.91 -20.97 -7.35
C ARG B 98 8.78 -19.79 -7.79
N ILE B 99 8.65 -19.35 -9.05
CA ILE B 99 9.40 -18.21 -9.56
C ILE B 99 8.97 -16.93 -8.86
N VAL B 100 7.67 -16.82 -8.55
CA VAL B 100 7.11 -15.64 -7.92
C VAL B 100 7.70 -15.46 -6.52
N ALA B 101 7.82 -16.56 -5.78
CA ALA B 101 8.44 -16.56 -4.47
C ALA B 101 9.92 -16.18 -4.60
N PHE B 102 10.56 -16.61 -5.71
CA PHE B 102 11.96 -16.30 -5.99
C PHE B 102 12.18 -14.80 -6.13
N PHE B 103 11.33 -14.14 -6.95
CA PHE B 103 11.40 -12.71 -7.12
C PHE B 103 11.10 -12.02 -5.80
N SER B 104 10.09 -12.53 -5.08
CA SER B 104 9.68 -12.00 -3.79
C SER B 104 10.83 -12.12 -2.78
N PHE B 105 11.47 -13.29 -2.74
CA PHE B 105 12.60 -13.54 -1.87
C PHE B 105 13.60 -12.38 -1.98
N GLY B 106 14.01 -12.08 -3.22
CA GLY B 106 14.94 -10.98 -3.49
C GLY B 106 14.46 -9.65 -2.91
N GLY B 107 13.14 -9.40 -3.01
CA GLY B 107 12.54 -8.16 -2.55
C GLY B 107 12.54 -8.00 -1.03
N ALA B 108 12.55 -9.14 -0.31
CA ALA B 108 12.62 -9.13 1.15
C ALA B 108 14.06 -8.94 1.62
N LEU B 109 15.02 -9.31 0.77
CA LEU B 109 16.43 -9.15 1.07
C LEU B 109 16.86 -7.70 0.89
N CYS B 110 16.37 -7.07 -0.18
CA CYS B 110 16.69 -5.69 -0.48
C CYS B 110 16.15 -4.76 0.61
N VAL B 111 15.01 -5.13 1.20
CA VAL B 111 14.42 -4.40 2.32
C VAL B 111 15.30 -4.59 3.56
N GLU B 112 15.58 -5.85 3.90
CA GLU B 112 16.39 -6.20 5.05
C GLU B 112 17.76 -5.51 4.96
N SER B 113 18.34 -5.49 3.75
CA SER B 113 19.60 -4.83 3.48
C SER B 113 19.54 -3.36 3.91
N VAL B 114 18.51 -2.65 3.42
CA VAL B 114 18.31 -1.25 3.72
C VAL B 114 18.02 -1.07 5.21
N ASP B 115 17.15 -1.94 5.76
CA ASP B 115 16.67 -1.80 7.13
C ASP B 115 17.80 -2.13 8.12
N LYS B 116 18.81 -2.89 7.66
CA LYS B 116 20.00 -3.17 8.45
C LYS B 116 21.20 -2.48 7.82
N GLU B 117 21.00 -1.25 7.32
CA GLU B 117 22.09 -0.39 6.88
C GLU B 117 23.09 -1.18 6.03
N MET B 118 22.61 -1.70 4.89
CA MET B 118 23.46 -2.45 3.97
C MET B 118 22.95 -2.20 2.54
N GLN B 119 23.03 -0.94 2.13
CA GLN B 119 22.37 -0.46 0.92
C GLN B 119 23.07 -1.00 -0.33
N VAL B 120 24.37 -1.28 -0.21
CA VAL B 120 25.17 -1.79 -1.31
C VAL B 120 24.66 -3.15 -1.77
N LEU B 121 24.05 -3.91 -0.85
CA LEU B 121 23.58 -5.26 -1.12
C LEU B 121 22.48 -5.25 -2.19
N VAL B 122 21.62 -4.22 -2.16
CA VAL B 122 20.50 -4.13 -3.08
C VAL B 122 21.00 -4.22 -4.53
N SER B 123 22.14 -3.58 -4.81
CA SER B 123 22.74 -3.57 -6.13
C SER B 123 23.09 -4.97 -6.60
N ARG B 124 23.56 -5.81 -5.67
CA ARG B 124 24.05 -7.15 -5.99
C ARG B 124 22.90 -8.15 -6.00
N ILE B 125 21.96 -8.01 -5.04
CA ILE B 125 20.81 -8.91 -4.96
C ILE B 125 20.11 -8.97 -6.31
N ALA B 126 20.10 -7.86 -7.04
CA ALA B 126 19.54 -7.79 -8.38
C ALA B 126 20.40 -8.61 -9.35
N ALA B 127 21.72 -8.42 -9.28
CA ALA B 127 22.67 -9.12 -10.16
C ALA B 127 22.64 -10.62 -9.90
N TRP B 128 22.44 -11.01 -8.62
CA TRP B 128 22.37 -12.41 -8.23
C TRP B 128 21.08 -13.06 -8.74
N MET B 129 19.98 -12.31 -8.66
CA MET B 129 18.67 -12.75 -9.14
C MET B 129 18.69 -12.83 -10.67
N ALA B 130 19.46 -11.95 -11.30
CA ALA B 130 19.61 -11.94 -12.75
C ALA B 130 20.36 -13.18 -13.24
N THR B 131 21.31 -13.66 -12.43
CA THR B 131 22.19 -14.76 -12.81
C THR B 131 21.55 -16.10 -12.46
N TYR B 132 20.96 -16.20 -11.26
CA TYR B 132 20.28 -17.42 -10.85
C TYR B 132 19.19 -17.79 -11.85
N LEU B 133 18.50 -16.77 -12.37
CA LEU B 133 17.45 -16.96 -13.36
C LEU B 133 18.07 -17.47 -14.67
N ASN B 134 19.30 -17.03 -14.96
CA ASN B 134 20.04 -17.47 -16.14
C ASN B 134 20.44 -18.95 -15.99
N ASP B 135 20.78 -19.36 -14.78
CA ASP B 135 21.34 -20.68 -14.53
C ASP B 135 20.22 -21.69 -14.29
N HIS B 136 19.33 -21.39 -13.34
CA HIS B 136 18.49 -22.40 -12.73
C HIS B 136 17.03 -22.31 -13.18
N LEU B 137 16.61 -21.19 -13.76
CA LEU B 137 15.22 -21.00 -14.17
C LEU B 137 15.08 -20.78 -15.69
N GLU B 138 16.16 -20.32 -16.34
CA GLU B 138 16.14 -19.96 -17.75
C GLU B 138 15.55 -21.11 -18.59
N PRO B 139 16.04 -22.36 -18.48
CA PRO B 139 15.56 -23.47 -19.32
C PRO B 139 14.07 -23.78 -19.20
N TRP B 140 13.57 -23.79 -17.96
CA TRP B 140 12.20 -24.20 -17.64
C TRP B 140 11.19 -23.29 -18.37
N ILE B 141 11.39 -21.98 -18.24
CA ILE B 141 10.49 -20.97 -18.76
C ILE B 141 10.27 -21.17 -20.26
N GLN B 142 11.38 -21.12 -21.01
CA GLN B 142 11.35 -21.04 -22.46
C GLN B 142 10.68 -22.26 -23.08
N GLU B 143 10.56 -23.36 -22.33
CA GLU B 143 9.98 -24.58 -22.85
C GLU B 143 8.55 -24.78 -22.34
N ASN B 144 8.21 -24.19 -21.18
CA ASN B 144 6.89 -24.34 -20.58
C ASN B 144 6.01 -23.14 -20.93
N GLY B 145 5.76 -22.92 -22.23
CA GLY B 145 4.70 -22.03 -22.67
C GLY B 145 5.17 -20.59 -22.96
N GLY B 146 6.21 -20.14 -22.25
CA GLY B 146 6.69 -18.77 -22.36
C GLY B 146 6.10 -17.88 -21.25
N TRP B 147 6.58 -16.64 -21.20
CA TRP B 147 6.11 -15.67 -20.21
C TRP B 147 4.67 -15.29 -20.48
N ASP B 148 4.28 -15.28 -21.76
CA ASP B 148 2.88 -15.08 -22.13
C ASP B 148 2.00 -16.08 -21.38
N THR B 149 2.46 -17.34 -21.31
CA THR B 149 1.71 -18.39 -20.63
C THR B 149 1.60 -18.07 -19.15
N PHE B 150 2.59 -17.34 -18.61
CA PHE B 150 2.53 -16.85 -17.25
C PHE B 150 1.50 -15.73 -17.14
N VAL B 151 1.51 -14.80 -18.11
CA VAL B 151 0.56 -13.71 -18.15
C VAL B 151 -0.86 -14.28 -18.23
N GLU B 152 -1.03 -15.31 -19.06
CA GLU B 152 -2.31 -15.99 -19.22
C GLU B 152 -2.85 -16.48 -17.88
N LEU B 153 -2.01 -17.17 -17.12
CA LEU B 153 -2.41 -17.78 -15.87
C LEU B 153 -2.75 -16.69 -14.86
N TYR B 154 -1.79 -15.80 -14.60
CA TYR B 154 -1.94 -14.76 -13.59
C TYR B 154 -2.74 -13.60 -14.19
N VAL B 178 -16.01 -10.55 -19.65
CA VAL B 178 -15.10 -9.51 -20.25
C VAL B 178 -13.92 -10.22 -20.91
N PRO B 179 -14.09 -10.73 -22.15
CA PRO B 179 -13.04 -11.53 -22.81
C PRO B 179 -11.76 -10.74 -23.02
N SER B 180 -10.63 -11.38 -22.73
CA SER B 180 -9.32 -10.77 -22.93
C SER B 180 -9.00 -10.73 -24.42
N GLN B 181 -8.09 -9.84 -24.79
CA GLN B 181 -7.70 -9.63 -26.17
C GLN B 181 -6.18 -9.63 -26.30
N LYS B 182 -5.49 -10.08 -25.24
CA LYS B 182 -4.04 -10.12 -25.24
C LYS B 182 -3.56 -11.14 -26.26
N THR B 183 -2.55 -10.76 -27.04
CA THR B 183 -1.95 -11.69 -28.00
C THR B 183 -1.28 -12.82 -27.22
N TYR B 184 -1.29 -14.01 -27.82
CA TYR B 184 -0.74 -15.21 -27.21
C TYR B 184 -0.56 -16.25 -28.32
N GLN B 185 0.70 -16.45 -28.74
CA GLN B 185 1.00 -17.31 -29.88
C GLN B 185 1.01 -18.77 -29.42
N GLY B 186 1.40 -19.02 -28.17
CA GLY B 186 1.36 -20.37 -27.61
C GLY B 186 2.38 -21.29 -28.25
N SER B 187 2.21 -22.59 -28.02
CA SER B 187 3.21 -23.60 -28.37
C SER B 187 3.33 -23.74 -29.89
N TYR B 188 2.21 -23.62 -30.60
CA TYR B 188 2.16 -23.89 -32.03
C TYR B 188 2.51 -22.63 -32.84
N GLY B 189 2.89 -21.54 -32.15
CA GLY B 189 3.33 -20.32 -32.79
C GLY B 189 2.22 -19.68 -33.62
N PHE B 190 1.10 -19.35 -32.97
CA PHE B 190 -0.12 -18.93 -33.64
C PHE B 190 -0.14 -17.43 -33.88
N ARG B 191 -0.28 -17.05 -35.15
CA ARG B 191 -0.36 -15.66 -35.57
C ARG B 191 -1.50 -15.51 -36.57
N LEU B 192 -1.83 -14.25 -36.89
CA LEU B 192 -2.82 -13.94 -37.92
C LEU B 192 -2.12 -13.31 -39.12
N GLY B 193 -2.69 -13.55 -40.30
CA GLY B 193 -2.20 -13.00 -41.55
C GLY B 193 -3.37 -12.51 -42.42
N PHE B 194 -3.06 -11.66 -43.41
CA PHE B 194 -4.07 -11.07 -44.28
C PHE B 194 -3.51 -10.86 -45.69
N LEU B 195 -4.40 -10.91 -46.69
CA LEU B 195 -4.05 -10.54 -48.05
C LEU B 195 -3.54 -9.11 -48.07
N HIS B 196 -2.62 -8.83 -49.01
CA HIS B 196 -2.06 -7.50 -49.18
C HIS B 196 -2.74 -6.86 -50.40
N SER B 197 -3.98 -6.40 -50.18
CA SER B 197 -4.94 -6.15 -51.25
C SER B 197 -4.92 -4.70 -51.73
N GLY B 198 -4.42 -3.79 -50.89
CA GLY B 198 -4.28 -2.38 -51.25
C GLY B 198 -5.51 -1.57 -50.85
N THR B 199 -5.53 -0.30 -51.27
CA THR B 199 -6.59 0.63 -50.91
C THR B 199 -7.36 1.11 -52.13
N ALA B 200 -7.23 0.40 -53.27
CA ALA B 200 -7.95 0.77 -54.48
C ALA B 200 -9.45 0.69 -54.21
N LYS B 201 -10.22 1.51 -54.95
CA LYS B 201 -11.64 1.68 -54.68
C LYS B 201 -12.41 0.37 -54.88
N SER B 202 -11.87 -0.55 -55.69
CA SER B 202 -12.59 -1.74 -56.10
C SER B 202 -12.30 -2.94 -55.20
N VAL B 203 -11.47 -2.76 -54.16
CA VAL B 203 -11.20 -3.84 -53.22
C VAL B 203 -12.45 -4.01 -52.35
N THR B 204 -12.82 -5.27 -52.12
CA THR B 204 -13.95 -5.58 -51.26
C THR B 204 -13.48 -5.77 -49.82
N CYS B 205 -12.17 -5.94 -49.63
CA CYS B 205 -11.60 -6.23 -48.33
C CYS B 205 -10.14 -5.77 -48.29
N THR B 206 -9.70 -5.21 -47.15
CA THR B 206 -8.33 -4.74 -47.01
C THR B 206 -7.96 -4.53 -45.54
N TYR B 207 -6.70 -4.88 -45.20
CA TYR B 207 -6.21 -4.84 -43.84
C TYR B 207 -5.16 -3.73 -43.70
N SER B 208 -5.19 -3.05 -42.55
CA SER B 208 -4.22 -2.01 -42.23
C SER B 208 -3.33 -2.46 -41.07
N PRO B 209 -2.07 -2.86 -41.34
CA PRO B 209 -1.10 -3.14 -40.28
C PRO B 209 -0.92 -2.04 -39.24
N ALA B 210 -0.73 -0.80 -39.70
CA ALA B 210 -0.45 0.33 -38.81
C ALA B 210 -1.58 0.50 -37.79
N LEU B 211 -2.83 0.29 -38.22
CA LEU B 211 -3.98 0.41 -37.32
C LEU B 211 -4.33 -0.94 -36.69
N ASN B 212 -3.73 -2.03 -37.21
CA ASN B 212 -4.18 -3.37 -36.91
C ASN B 212 -5.70 -3.39 -37.05
N LYS B 213 -6.15 -3.09 -38.28
CA LYS B 213 -7.55 -2.85 -38.55
C LYS B 213 -7.93 -3.41 -39.91
N MET B 214 -8.98 -4.22 -39.93
CA MET B 214 -9.53 -4.76 -41.16
C MET B 214 -10.64 -3.82 -41.65
N PHE B 215 -10.80 -3.76 -42.98
CA PHE B 215 -11.85 -2.99 -43.62
C PHE B 215 -12.50 -3.87 -44.68
N CYS B 216 -13.78 -4.21 -44.49
CA CYS B 216 -14.48 -5.12 -45.38
C CYS B 216 -15.92 -4.66 -45.62
N GLN B 217 -16.53 -5.25 -46.65
CA GLN B 217 -17.88 -4.90 -47.04
C GLN B 217 -18.88 -5.86 -46.40
N LEU B 218 -20.16 -5.48 -46.38
CA LEU B 218 -21.21 -6.22 -45.72
C LEU B 218 -21.46 -7.55 -46.45
N ALA B 219 -21.42 -8.65 -45.71
CA ALA B 219 -21.74 -9.97 -46.23
C ALA B 219 -20.70 -10.45 -47.24
N LYS B 220 -19.58 -9.74 -47.35
CA LYS B 220 -18.62 -9.97 -48.40
C LYS B 220 -17.47 -10.83 -47.84
N THR B 221 -16.86 -11.63 -48.72
CA THR B 221 -15.81 -12.56 -48.33
C THR B 221 -14.68 -11.78 -47.65
N CYS B 222 -14.33 -12.20 -46.43
CA CYS B 222 -13.29 -11.55 -45.64
C CYS B 222 -12.27 -12.60 -45.22
N PRO B 223 -11.20 -12.86 -46.02
CA PRO B 223 -10.19 -13.85 -45.69
C PRO B 223 -9.28 -13.49 -44.51
N VAL B 224 -9.18 -14.42 -43.54
CA VAL B 224 -8.26 -14.32 -42.42
C VAL B 224 -7.35 -15.54 -42.47
N GLN B 225 -6.04 -15.34 -42.24
CA GLN B 225 -5.07 -16.41 -42.38
C GLN B 225 -4.57 -16.85 -40.99
N LEU B 226 -4.53 -18.17 -40.79
CA LEU B 226 -3.93 -18.75 -39.61
C LEU B 226 -2.52 -19.18 -39.95
N TRP B 227 -1.54 -18.62 -39.23
CA TRP B 227 -0.14 -18.97 -39.40
C TRP B 227 0.34 -19.69 -38.15
N VAL B 228 0.80 -20.94 -38.36
CA VAL B 228 1.30 -21.78 -37.28
C VAL B 228 2.75 -22.12 -37.57
N ASP B 229 3.57 -22.19 -36.51
CA ASP B 229 4.92 -22.72 -36.63
C ASP B 229 4.84 -24.24 -36.60
N SER B 230 4.26 -24.78 -35.51
CA SER B 230 4.13 -26.21 -35.31
C SER B 230 2.68 -26.63 -35.54
N THR B 231 2.48 -27.56 -36.49
CA THR B 231 1.15 -27.99 -36.90
C THR B 231 0.41 -28.55 -35.68
N PRO B 232 -0.83 -28.08 -35.40
CA PRO B 232 -1.54 -28.46 -34.18
C PRO B 232 -2.26 -29.79 -34.35
N PRO B 233 -2.51 -30.53 -33.24
CA PRO B 233 -3.12 -31.86 -33.34
C PRO B 233 -4.53 -31.76 -33.92
N PRO B 234 -5.02 -32.76 -34.70
CA PRO B 234 -6.40 -32.76 -35.17
C PRO B 234 -7.38 -32.66 -34.01
N GLY B 235 -8.51 -31.98 -34.25
CA GLY B 235 -9.49 -31.72 -33.20
C GLY B 235 -9.27 -30.36 -32.54
N THR B 236 -8.18 -29.68 -32.94
CA THR B 236 -8.00 -28.26 -32.66
C THR B 236 -9.10 -27.48 -33.38
N ARG B 237 -9.53 -26.37 -32.80
CA ARG B 237 -10.61 -25.58 -33.37
C ARG B 237 -10.25 -24.09 -33.37
N VAL B 238 -10.94 -23.33 -34.24
CA VAL B 238 -10.70 -21.91 -34.44
C VAL B 238 -12.01 -21.16 -34.17
N ARG B 239 -11.98 -20.26 -33.19
CA ARG B 239 -13.16 -19.51 -32.79
C ARG B 239 -12.98 -18.05 -33.18
N ALA B 240 -14.08 -17.41 -33.60
CA ALA B 240 -14.14 -15.98 -33.84
C ALA B 240 -15.26 -15.38 -32.98
N MET B 241 -14.93 -14.34 -32.21
CA MET B 241 -15.90 -13.62 -31.39
C MET B 241 -15.67 -12.12 -31.54
N ALA B 242 -16.74 -11.33 -31.38
CA ALA B 242 -16.66 -9.87 -31.50
C ALA B 242 -16.98 -9.21 -30.16
N ILE B 243 -16.20 -8.19 -29.82
CA ILE B 243 -16.43 -7.35 -28.65
C ILE B 243 -16.24 -5.89 -29.08
N TYR B 244 -16.80 -4.97 -28.28
CA TYR B 244 -16.64 -3.55 -28.52
C TYR B 244 -15.29 -3.09 -28.00
N LYS B 245 -14.59 -2.28 -28.80
CA LYS B 245 -13.25 -1.82 -28.48
C LYS B 245 -13.30 -0.89 -27.27
N GLN B 246 -14.26 0.04 -27.28
CA GLN B 246 -14.38 1.06 -26.25
C GLN B 246 -14.64 0.39 -24.90
N SER B 247 -14.03 0.94 -23.85
CA SER B 247 -14.21 0.42 -22.49
C SER B 247 -15.67 0.51 -22.07
N GLN B 248 -16.35 1.59 -22.50
CA GLN B 248 -17.70 1.89 -22.08
C GLN B 248 -18.71 1.01 -22.80
N HIS B 249 -18.24 0.17 -23.72
CA HIS B 249 -19.13 -0.70 -24.49
C HIS B 249 -18.71 -2.17 -24.41
N MET B 250 -17.59 -2.45 -23.73
CA MET B 250 -17.01 -3.79 -23.77
C MET B 250 -18.03 -4.82 -23.28
N THR B 251 -18.65 -4.54 -22.13
CA THR B 251 -19.56 -5.47 -21.49
C THR B 251 -20.80 -5.72 -22.35
N GLU B 252 -21.20 -4.74 -23.17
CA GLU B 252 -22.32 -4.95 -24.08
C GLU B 252 -21.93 -6.02 -25.09
N VAL B 253 -22.90 -6.87 -25.44
CA VAL B 253 -22.66 -8.00 -26.31
C VAL B 253 -22.89 -7.55 -27.75
N VAL B 254 -21.91 -7.83 -28.61
CA VAL B 254 -22.00 -7.47 -30.02
C VAL B 254 -22.95 -8.46 -30.72
N ARG B 255 -24.11 -7.95 -31.12
CA ARG B 255 -25.07 -8.69 -31.93
C ARG B 255 -25.55 -7.77 -33.04
N ARG B 256 -26.16 -8.35 -34.08
CA ARG B 256 -26.65 -7.58 -35.21
C ARG B 256 -27.80 -6.69 -34.77
N CYS B 257 -28.09 -5.66 -35.58
CA CYS B 257 -29.21 -4.76 -35.34
C CYS B 257 -30.50 -5.44 -35.78
N PRO B 258 -31.66 -5.13 -35.16
CA PRO B 258 -32.92 -5.81 -35.48
C PRO B 258 -33.21 -5.92 -36.98
N HIS B 259 -32.98 -4.84 -37.72
CA HIS B 259 -33.23 -4.85 -39.15
C HIS B 259 -32.59 -6.09 -39.77
N HIS B 260 -31.27 -6.20 -39.60
CA HIS B 260 -30.50 -7.30 -40.16
C HIS B 260 -30.90 -8.60 -39.47
N GLU B 261 -31.10 -8.52 -38.15
CA GLU B 261 -31.59 -9.63 -37.35
C GLU B 261 -32.78 -10.31 -38.04
N ARG B 262 -33.72 -9.50 -38.55
CA ARG B 262 -34.95 -10.02 -39.16
C ARG B 262 -34.77 -10.23 -40.67
N CYS B 263 -33.94 -9.40 -41.31
CA CYS B 263 -33.75 -9.46 -42.76
C CYS B 263 -33.49 -10.89 -43.23
N SER B 264 -34.11 -11.24 -44.36
CA SER B 264 -34.00 -12.58 -44.91
C SER B 264 -32.66 -12.76 -45.61
N ASP B 265 -31.62 -13.14 -44.83
CA ASP B 265 -30.28 -13.33 -45.36
C ASP B 265 -29.63 -14.58 -44.76
N SER B 266 -30.44 -15.51 -44.26
CA SER B 266 -29.94 -16.72 -43.63
C SER B 266 -29.24 -17.59 -44.69
N ASP B 267 -28.06 -18.12 -44.34
CA ASP B 267 -27.38 -19.10 -45.19
C ASP B 267 -27.86 -20.51 -44.83
N GLY B 268 -28.64 -20.62 -43.76
CA GLY B 268 -29.17 -21.89 -43.29
C GLY B 268 -28.37 -22.47 -42.13
N LEU B 269 -27.21 -21.86 -41.84
CA LEU B 269 -26.31 -22.36 -40.82
C LEU B 269 -26.22 -21.36 -39.66
N ALA B 270 -26.04 -20.07 -39.96
CA ALA B 270 -25.80 -19.08 -38.93
C ALA B 270 -27.10 -18.72 -38.20
N PRO B 271 -27.04 -18.49 -36.87
CA PRO B 271 -28.14 -17.84 -36.15
C PRO B 271 -28.36 -16.43 -36.68
N PRO B 272 -29.57 -15.84 -36.49
CA PRO B 272 -29.91 -14.57 -37.11
C PRO B 272 -29.29 -13.33 -36.45
N GLN B 273 -28.93 -13.43 -35.17
CA GLN B 273 -28.39 -12.29 -34.42
C GLN B 273 -26.86 -12.25 -34.49
N HIS B 274 -26.23 -13.27 -35.08
CA HIS B 274 -24.79 -13.42 -35.07
C HIS B 274 -24.15 -12.53 -36.15
N LEU B 275 -23.25 -11.64 -35.72
CA LEU B 275 -22.55 -10.73 -36.61
C LEU B 275 -21.58 -11.52 -37.50
N ILE B 276 -20.68 -12.29 -36.87
CA ILE B 276 -19.65 -13.02 -37.60
C ILE B 276 -20.25 -14.32 -38.12
N ARG B 277 -19.95 -14.61 -39.39
CA ARG B 277 -20.23 -15.91 -39.99
C ARG B 277 -18.97 -16.45 -40.66
N VAL B 278 -19.03 -17.72 -41.07
CA VAL B 278 -17.99 -18.33 -41.87
C VAL B 278 -18.66 -18.86 -43.15
N GLU B 279 -17.95 -18.73 -44.27
CA GLU B 279 -18.51 -19.03 -45.59
C GLU B 279 -17.83 -20.26 -46.17
N GLY B 280 -18.63 -21.19 -46.70
CA GLY B 280 -18.12 -22.31 -47.49
C GLY B 280 -17.47 -23.40 -46.64
N ASN B 281 -18.15 -23.82 -45.57
CA ASN B 281 -17.63 -24.83 -44.66
C ASN B 281 -18.78 -25.38 -43.82
N LEU B 282 -19.33 -26.53 -44.25
CA LEU B 282 -20.52 -27.10 -43.64
C LEU B 282 -20.30 -27.48 -42.18
N ARG B 283 -19.02 -27.63 -41.79
CA ARG B 283 -18.68 -28.04 -40.44
C ARG B 283 -18.57 -26.82 -39.53
N VAL B 284 -19.04 -25.66 -39.99
CA VAL B 284 -19.07 -24.47 -39.15
C VAL B 284 -20.07 -24.71 -38.01
N GLU B 285 -19.70 -24.24 -36.80
CA GLU B 285 -20.53 -24.33 -35.62
C GLU B 285 -20.63 -22.94 -35.00
N TYR B 286 -21.83 -22.59 -34.51
CA TYR B 286 -22.05 -21.31 -33.85
C TYR B 286 -22.48 -21.56 -32.41
N LEU B 287 -22.28 -20.55 -31.54
CA LEU B 287 -22.55 -20.70 -30.12
C LEU B 287 -23.12 -19.41 -29.54
N ASP B 288 -24.22 -19.54 -28.78
CA ASP B 288 -24.61 -18.57 -27.77
C ASP B 288 -24.16 -19.08 -26.41
N ASP B 289 -23.34 -18.28 -25.72
CA ASP B 289 -22.79 -18.66 -24.43
C ASP B 289 -23.88 -18.56 -23.38
N ARG B 290 -23.99 -19.58 -22.53
CA ARG B 290 -25.10 -19.69 -21.58
C ARG B 290 -24.83 -18.84 -20.34
N ASN B 291 -23.62 -18.26 -20.24
CA ASN B 291 -23.23 -17.45 -19.10
C ASN B 291 -23.01 -15.99 -19.52
N THR B 292 -22.23 -15.80 -20.59
CA THR B 292 -21.84 -14.49 -21.08
C THR B 292 -22.83 -13.97 -22.12
N PHE B 293 -23.46 -14.90 -22.86
CA PHE B 293 -24.41 -14.60 -23.93
C PHE B 293 -23.71 -14.01 -25.15
N ARG B 294 -22.36 -14.06 -25.18
CA ARG B 294 -21.59 -13.57 -26.30
C ARG B 294 -21.58 -14.61 -27.41
N HIS B 295 -21.65 -14.13 -28.65
CA HIS B 295 -21.73 -15.00 -29.82
C HIS B 295 -20.32 -15.47 -30.19
N SER B 296 -20.26 -16.65 -30.83
CA SER B 296 -19.02 -17.20 -31.36
C SER B 296 -19.33 -18.03 -32.59
N VAL B 297 -18.33 -18.15 -33.48
CA VAL B 297 -18.38 -19.10 -34.58
C VAL B 297 -17.06 -19.86 -34.61
N VAL B 298 -17.14 -21.16 -34.33
CA VAL B 298 -15.98 -22.03 -34.37
C VAL B 298 -15.98 -22.78 -35.69
N VAL B 299 -14.76 -23.09 -36.16
CA VAL B 299 -14.53 -23.93 -37.32
C VAL B 299 -13.37 -24.87 -37.00
N PRO B 300 -13.42 -26.16 -37.43
CA PRO B 300 -12.30 -27.08 -37.19
C PRO B 300 -11.02 -26.56 -37.83
N TYR B 301 -9.90 -26.71 -37.12
CA TYR B 301 -8.59 -26.34 -37.66
C TYR B 301 -8.23 -27.33 -38.77
N GLU B 302 -7.75 -26.79 -39.88
CA GLU B 302 -7.28 -27.58 -41.01
C GLU B 302 -5.86 -27.15 -41.32
N PRO B 303 -4.91 -28.08 -41.52
CA PRO B 303 -3.53 -27.70 -41.84
C PRO B 303 -3.46 -27.02 -43.20
N PRO B 304 -2.49 -26.09 -43.41
CA PRO B 304 -2.29 -25.47 -44.72
C PRO B 304 -2.20 -26.49 -45.85
N GLU B 305 -2.76 -26.12 -47.01
CA GLU B 305 -2.79 -26.98 -48.18
C GLU B 305 -1.42 -26.97 -48.86
N VAL B 306 -1.30 -27.78 -49.93
CA VAL B 306 -0.07 -27.89 -50.71
C VAL B 306 0.21 -26.57 -51.42
N GLY B 307 1.50 -26.22 -51.51
CA GLY B 307 1.94 -24.97 -52.12
C GLY B 307 1.48 -23.75 -51.32
N SER B 308 1.22 -23.96 -50.03
CA SER B 308 0.67 -22.94 -49.16
C SER B 308 1.18 -23.16 -47.73
N ASP B 309 1.34 -22.06 -46.99
CA ASP B 309 1.92 -22.12 -45.66
C ASP B 309 1.02 -21.42 -44.66
N CYS B 310 -0.28 -21.37 -44.95
CA CYS B 310 -1.25 -20.85 -44.00
C CYS B 310 -2.65 -21.41 -44.30
N THR B 311 -3.57 -21.23 -43.35
CA THR B 311 -4.95 -21.66 -43.49
C THR B 311 -5.85 -20.44 -43.58
N THR B 312 -6.83 -20.47 -44.50
CA THR B 312 -7.68 -19.32 -44.77
C THR B 312 -9.13 -19.63 -44.38
N ILE B 313 -9.68 -18.74 -43.53
CA ILE B 313 -11.08 -18.79 -43.14
C ILE B 313 -11.77 -17.55 -43.71
N HIS B 314 -12.80 -17.79 -44.53
CA HIS B 314 -13.61 -16.72 -45.11
C HIS B 314 -14.70 -16.29 -44.14
N TYR B 315 -14.41 -15.23 -43.38
CA TYR B 315 -15.40 -14.64 -42.49
C TYR B 315 -16.32 -13.72 -43.31
N ASN B 316 -17.52 -13.47 -42.77
CA ASN B 316 -18.43 -12.47 -43.31
C ASN B 316 -18.95 -11.61 -42.15
N TYR B 317 -19.05 -10.30 -42.36
CA TYR B 317 -19.65 -9.42 -41.37
C TYR B 317 -21.02 -9.00 -41.89
N MET B 318 -22.05 -9.22 -41.06
CA MET B 318 -23.44 -9.24 -41.51
C MET B 318 -24.21 -8.03 -40.96
N CYS B 319 -23.47 -6.96 -40.63
CA CYS B 319 -24.05 -5.77 -40.01
C CYS B 319 -23.01 -4.65 -40.18
N ASN B 320 -23.34 -3.62 -40.96
CA ASN B 320 -22.43 -2.50 -41.14
C ASN B 320 -22.14 -1.89 -39.77
N SER B 321 -20.97 -1.25 -39.66
CA SER B 321 -20.57 -0.61 -38.42
C SER B 321 -21.46 0.61 -38.14
N SER B 322 -22.09 1.14 -39.18
CA SER B 322 -22.92 2.33 -39.10
C SER B 322 -24.35 1.99 -38.67
N CYS B 323 -24.67 0.69 -38.57
CA CYS B 323 -26.03 0.23 -38.36
C CYS B 323 -26.71 0.93 -37.18
N MET B 324 -27.87 1.51 -37.46
CA MET B 324 -28.77 2.04 -36.44
C MET B 324 -29.31 0.88 -35.61
N GLY B 325 -29.23 1.02 -34.28
CA GLY B 325 -29.73 0.00 -33.37
C GLY B 325 -28.89 -1.27 -33.37
N GLY B 326 -27.62 -1.12 -33.78
CA GLY B 326 -26.65 -2.21 -33.74
C GLY B 326 -25.32 -1.72 -33.17
N MET B 327 -24.25 -1.93 -33.94
CA MET B 327 -22.93 -1.40 -33.59
C MET B 327 -23.01 0.11 -33.45
N ASN B 328 -23.76 0.77 -34.36
CA ASN B 328 -24.06 2.18 -34.26
C ASN B 328 -22.76 2.98 -34.19
N ARG B 329 -21.89 2.78 -35.18
CA ARG B 329 -20.70 3.57 -35.41
C ARG B 329 -19.61 3.29 -34.37
N ARG B 330 -19.86 2.34 -33.45
CA ARG B 330 -18.89 2.02 -32.40
C ARG B 330 -17.86 1.03 -32.95
N PRO B 331 -16.56 1.22 -32.64
CA PRO B 331 -15.52 0.28 -33.07
C PRO B 331 -15.60 -1.06 -32.35
N ILE B 332 -15.36 -2.14 -33.10
CA ILE B 332 -15.37 -3.49 -32.57
C ILE B 332 -13.99 -4.13 -32.78
N LEU B 333 -13.74 -5.20 -32.00
CA LEU B 333 -12.60 -6.08 -32.20
C LEU B 333 -13.14 -7.46 -32.57
N THR B 334 -12.37 -8.18 -33.40
CA THR B 334 -12.61 -9.60 -33.63
C THR B 334 -11.48 -10.38 -32.96
N ILE B 335 -11.83 -11.26 -32.01
CA ILE B 335 -10.84 -12.09 -31.33
C ILE B 335 -10.85 -13.48 -31.95
N ILE B 336 -9.71 -13.90 -32.50
CA ILE B 336 -9.55 -15.25 -33.00
C ILE B 336 -8.78 -16.05 -31.96
N THR B 337 -9.45 -17.07 -31.38
CA THR B 337 -8.81 -17.97 -30.42
C THR B 337 -8.63 -19.33 -31.06
N LEU B 338 -7.48 -19.95 -30.77
CA LEU B 338 -7.18 -21.32 -31.19
C LEU B 338 -7.33 -22.23 -29.98
N GLU B 339 -8.12 -23.31 -30.12
CA GLU B 339 -8.53 -24.14 -28.99
C GLU B 339 -8.31 -25.63 -29.27
N ASP B 340 -8.22 -26.42 -28.19
CA ASP B 340 -8.26 -27.87 -28.27
C ASP B 340 -9.73 -28.31 -28.20
N SER B 341 -9.96 -29.63 -28.36
CA SER B 341 -11.29 -30.21 -28.38
C SER B 341 -12.05 -29.94 -27.08
N SER B 342 -11.32 -29.92 -25.95
CA SER B 342 -11.92 -29.73 -24.65
C SER B 342 -12.23 -28.25 -24.42
N GLY B 343 -11.86 -27.40 -25.39
CA GLY B 343 -12.25 -26.00 -25.41
C GLY B 343 -11.24 -25.11 -24.69
N ASN B 344 -9.99 -25.58 -24.56
CA ASN B 344 -8.99 -24.90 -23.75
C ASN B 344 -8.04 -24.14 -24.66
N LEU B 345 -7.45 -23.08 -24.11
CA LEU B 345 -6.84 -22.02 -24.88
C LEU B 345 -5.45 -22.44 -25.36
N LEU B 346 -5.23 -22.38 -26.68
CA LEU B 346 -3.93 -22.67 -27.28
C LEU B 346 -3.29 -21.38 -27.80
N GLY B 347 -4.10 -20.39 -28.19
CA GLY B 347 -3.57 -19.12 -28.65
C GLY B 347 -4.67 -18.07 -28.80
N ARG B 348 -4.24 -16.81 -28.96
CA ARG B 348 -5.16 -15.70 -29.14
C ARG B 348 -4.51 -14.59 -29.96
N ASN B 349 -5.34 -13.98 -30.83
CA ASN B 349 -4.98 -12.80 -31.60
C ASN B 349 -6.25 -12.00 -31.84
N SER B 350 -6.10 -10.75 -32.28
CA SER B 350 -7.24 -9.89 -32.50
C SER B 350 -6.93 -8.81 -33.54
N PHE B 351 -7.99 -8.31 -34.16
CA PHE B 351 -7.90 -7.18 -35.08
C PHE B 351 -9.18 -6.36 -34.98
N GLU B 352 -9.02 -5.04 -34.99
CA GLU B 352 -10.14 -4.14 -35.12
C GLU B 352 -10.72 -4.31 -36.52
N VAL B 353 -12.03 -4.12 -36.66
CA VAL B 353 -12.67 -4.27 -37.96
C VAL B 353 -13.77 -3.22 -38.09
N ARG B 354 -13.85 -2.65 -39.29
CA ARG B 354 -14.95 -1.79 -39.70
C ARG B 354 -15.59 -2.42 -40.93
N VAL B 355 -16.93 -2.47 -40.93
CA VAL B 355 -17.65 -2.86 -42.13
C VAL B 355 -18.25 -1.58 -42.72
N CYS B 356 -18.01 -1.38 -44.02
CA CYS B 356 -18.24 -0.11 -44.69
C CYS B 356 -18.42 -0.32 -46.19
N ALA B 357 -18.79 0.75 -46.90
CA ALA B 357 -19.22 0.66 -48.29
C ALA B 357 -18.02 0.55 -49.22
N CYS B 358 -16.96 1.30 -48.95
CA CYS B 358 -15.78 1.30 -49.80
C CYS B 358 -14.51 1.20 -48.96
N PRO B 359 -14.07 -0.02 -48.60
CA PRO B 359 -12.91 -0.23 -47.74
C PRO B 359 -11.61 0.43 -48.21
N GLY B 360 -11.43 0.51 -49.53
CA GLY B 360 -10.26 1.14 -50.11
C GLY B 360 -10.04 2.54 -49.55
N ARG B 361 -10.96 3.46 -49.87
CA ARG B 361 -10.85 4.85 -49.51
C ARG B 361 -10.96 5.01 -48.00
N ASP B 362 -11.76 4.16 -47.35
CA ASP B 362 -12.00 4.27 -45.92
C ASP B 362 -10.70 4.00 -45.15
N ARG B 363 -9.91 3.01 -45.60
CA ARG B 363 -8.63 2.69 -44.99
C ARG B 363 -7.66 3.86 -45.14
N ARG B 364 -7.49 4.34 -46.38
CA ARG B 364 -6.55 5.39 -46.71
C ARG B 364 -6.81 6.63 -45.85
N THR B 365 -8.09 6.97 -45.68
CA THR B 365 -8.48 8.16 -44.92
C THR B 365 -8.03 8.03 -43.46
N GLU B 366 -8.16 6.82 -42.89
CA GLU B 366 -7.84 6.62 -41.49
C GLU B 366 -6.33 6.64 -41.28
N GLU B 367 -5.57 6.29 -42.32
CA GLU B 367 -4.11 6.29 -42.25
C GLU B 367 -3.57 7.72 -42.34
N GLU B 368 -4.31 8.62 -43.02
CA GLU B 368 -3.91 10.02 -43.11
C GLU B 368 -3.83 10.65 -41.72
N ASN B 369 -4.72 10.21 -40.81
CA ASN B 369 -4.79 10.72 -39.45
C ASN B 369 -3.50 10.45 -38.68
N LEU B 370 -2.75 9.43 -39.11
CA LEU B 370 -1.46 9.11 -38.50
C LEU B 370 -0.41 10.10 -39.00
ZN ZN C . -18.88 19.92 23.17
ZN ZN D . -27.34 -4.11 -39.04
#